data_5KWV
#
_entry.id   5KWV
#
_cell.length_a   137.650
_cell.length_b   137.650
_cell.length_c   73.020
_cell.angle_alpha   90.000
_cell.angle_beta   90.000
_cell.angle_gamma   90.000
#
_symmetry.space_group_name_H-M   'P 41 21 2'
#
loop_
_entity.id
_entity.type
_entity.pdbx_description
1 polymer 'Pantothenate synthetase'
2 non-polymer 'PHOSPHOAMINOPHOSPHONIC ACID-ADENYLATE ESTER'
3 water water
#
_entity_poly.entity_id   1
_entity_poly.type   'polypeptide(L)'
_entity_poly.pdbx_seq_one_letter_code
;MAHHHHHHMQIIHTIRELRTWRENTGKVAFVPTMGNLHEGHLALVREARKRADNVVVSIFVNRLQFGQGEDFDKYPRTLQ
QDADKLAAEGVAVVFAPDEKELYPNVEQRYNVEPPHLQNELCGKFRPGHFRGVATVVSKLFNIVLPDVACFGKKDYQQLA
VIKGLTEDLNFDIEIVPVDTGRAADGLALSSRNRYLSVGERAEAPRLYRELQAVAESLKQGGLDYAGLERQAADHLTAAG
WLVDYVEIRRADTLEMARAGDKKLVVLAAARLGTTRLIDNVEVGLP
;
_entity_poly.pdbx_strand_id   A,B
#
loop_
_chem_comp.id
_chem_comp.type
_chem_comp.name
_chem_comp.formula
ANP non-polymer 'PHOSPHOAMINOPHOSPHONIC ACID-ADENYLATE ESTER' 'C10 H17 N6 O12 P3'
#
# COMPACT_ATOMS: atom_id res chain seq x y z
N HIS A 8 22.67 -25.02 -6.45
CA HIS A 8 22.49 -23.74 -7.13
C HIS A 8 21.18 -23.09 -6.70
N MET A 9 20.04 -23.60 -7.18
CA MET A 9 18.76 -22.97 -6.89
C MET A 9 18.30 -23.28 -5.47
N GLN A 10 17.75 -22.27 -4.81
CA GLN A 10 17.25 -22.41 -3.45
C GLN A 10 15.74 -22.28 -3.38
N ILE A 11 15.12 -23.08 -2.52
CA ILE A 11 13.73 -22.92 -2.12
C ILE A 11 13.73 -22.28 -0.74
N ILE A 12 13.10 -21.12 -0.62
CA ILE A 12 13.05 -20.36 0.63
C ILE A 12 11.59 -20.14 1.00
N HIS A 13 11.25 -20.43 2.26
CA HIS A 13 9.85 -20.39 2.70
C HIS A 13 9.51 -19.26 3.65
N THR A 14 10.49 -18.60 4.25
CA THR A 14 10.23 -17.57 5.24
C THR A 14 10.69 -16.21 4.73
N ILE A 15 10.00 -15.16 5.17
CA ILE A 15 10.39 -13.80 4.86
C ILE A 15 11.79 -13.51 5.39
N ARG A 16 12.09 -14.01 6.61
CA ARG A 16 13.39 -13.72 7.22
C ARG A 16 14.53 -14.30 6.39
N GLU A 17 14.38 -15.54 5.91
CA GLU A 17 15.44 -16.13 5.11
C GLU A 17 15.52 -15.47 3.73
N LEU A 18 14.38 -15.03 3.19
CA LEU A 18 14.43 -14.30 1.93
C LEU A 18 15.20 -13.00 2.09
N ARG A 19 14.90 -12.24 3.15
CA ARG A 19 15.61 -10.99 3.40
C ARG A 19 17.11 -11.20 3.60
N THR A 20 17.49 -12.25 4.35
CA THR A 20 18.91 -12.53 4.54
C THR A 20 19.61 -12.85 3.23
N TRP A 21 18.98 -13.66 2.37
CA TRP A 21 19.62 -13.98 1.08
C TRP A 21 19.73 -12.75 0.19
N ARG A 22 18.71 -11.88 0.21
CA ARG A 22 18.64 -10.74 -0.70
C ARG A 22 19.62 -9.64 -0.32
N GLU A 23 19.98 -9.57 0.97
CA GLU A 23 20.82 -8.50 1.48
C GLU A 23 22.18 -8.43 0.79
N ASN A 24 22.83 -9.58 0.60
CA ASN A 24 24.16 -9.58 -0.01
C ASN A 24 24.11 -9.54 -1.53
N THR A 25 22.97 -9.88 -2.12
CA THR A 25 22.82 -9.92 -3.56
C THR A 25 22.64 -8.53 -4.16
N GLY A 26 23.17 -8.35 -5.37
CA GLY A 26 23.02 -7.11 -6.09
C GLY A 26 21.67 -6.97 -6.75
N LYS A 27 21.64 -6.86 -8.08
CA LYS A 27 20.39 -6.65 -8.78
C LYS A 27 19.48 -7.89 -8.73
N VAL A 28 18.18 -7.67 -8.55
CA VAL A 28 17.21 -8.77 -8.48
C VAL A 28 16.07 -8.51 -9.45
N ALA A 29 15.76 -9.51 -10.27
CA ALA A 29 14.56 -9.53 -11.10
C ALA A 29 13.60 -10.54 -10.52
N PHE A 30 12.32 -10.19 -10.52
CA PHE A 30 11.31 -10.89 -9.74
C PHE A 30 10.15 -11.31 -10.64
N VAL A 31 9.73 -12.56 -10.53
CA VAL A 31 8.57 -13.07 -11.24
C VAL A 31 7.60 -13.67 -10.22
N PRO A 32 6.54 -12.96 -9.87
CA PRO A 32 5.53 -13.52 -8.96
C PRO A 32 4.52 -14.38 -9.71
N THR A 33 4.23 -15.56 -9.14
CA THR A 33 3.30 -16.52 -9.75
C THR A 33 2.46 -17.20 -8.68
N MET A 34 1.44 -17.91 -9.15
CA MET A 34 0.63 -18.82 -8.35
C MET A 34 0.99 -20.28 -8.60
N GLY A 35 2.20 -20.55 -9.11
CA GLY A 35 2.57 -21.94 -9.33
C GLY A 35 1.86 -22.53 -10.55
N ASN A 36 1.86 -23.87 -10.60
CA ASN A 36 1.34 -24.61 -11.76
C ASN A 36 2.00 -24.14 -13.05
N LEU A 37 3.33 -24.09 -13.05
CA LEU A 37 4.04 -23.35 -14.08
C LEU A 37 3.94 -24.04 -15.44
N HIS A 38 3.88 -23.23 -16.48
CA HIS A 38 3.88 -23.69 -17.86
C HIS A 38 4.79 -22.76 -18.66
N GLU A 39 4.88 -23.01 -19.97
CA GLU A 39 5.84 -22.29 -20.80
C GLU A 39 5.59 -20.78 -20.78
N GLY A 40 4.32 -20.36 -20.66
CA GLY A 40 4.04 -18.94 -20.54
C GLY A 40 4.76 -18.27 -19.38
N HIS A 41 4.83 -18.96 -18.22
CA HIS A 41 5.59 -18.45 -17.09
C HIS A 41 7.09 -18.41 -17.40
N LEU A 42 7.57 -19.41 -18.13
CA LEU A 42 8.99 -19.45 -18.45
C LEU A 42 9.39 -18.26 -19.33
N ALA A 43 8.46 -17.79 -20.18
CA ALA A 43 8.73 -16.56 -20.91
C ALA A 43 9.05 -15.42 -19.96
N LEU A 44 8.26 -15.26 -18.90
CA LEU A 44 8.55 -14.25 -17.88
C LEU A 44 9.93 -14.47 -17.28
N VAL A 45 10.24 -15.72 -16.94
CA VAL A 45 11.50 -16.01 -16.27
C VAL A 45 12.67 -15.67 -17.20
N ARG A 46 12.52 -15.95 -18.49
CA ARG A 46 13.59 -15.66 -19.45
C ARG A 46 13.84 -14.17 -19.57
N GLU A 47 12.77 -13.36 -19.59
CA GLU A 47 12.94 -11.91 -19.64
C GLU A 47 13.66 -11.40 -18.40
N ALA A 48 13.24 -11.88 -17.23
CA ALA A 48 13.87 -11.52 -15.97
C ALA A 48 15.34 -11.90 -15.97
N ARG A 49 15.64 -13.11 -16.46
CA ARG A 49 17.00 -13.58 -16.51
C ARG A 49 17.85 -12.74 -17.47
N LYS A 50 17.23 -12.07 -18.44
CA LYS A 50 17.98 -11.16 -19.30
C LYS A 50 18.36 -9.87 -18.59
N ARG A 51 17.77 -9.58 -17.44
CA ARG A 51 17.93 -8.28 -16.81
C ARG A 51 18.66 -8.29 -15.49
N ALA A 52 18.92 -9.46 -14.91
CA ALA A 52 19.65 -9.51 -13.66
C ALA A 52 20.25 -10.89 -13.50
N ASP A 53 21.42 -10.94 -12.84
CA ASP A 53 22.03 -12.23 -12.53
C ASP A 53 21.18 -13.05 -11.56
N ASN A 54 20.37 -12.40 -10.73
CA ASN A 54 19.63 -13.07 -9.68
C ASN A 54 18.12 -12.94 -9.90
N VAL A 55 17.48 -14.04 -10.26
CA VAL A 55 16.04 -14.10 -10.52
C VAL A 55 15.36 -14.80 -9.35
N VAL A 56 14.37 -14.13 -8.75
CA VAL A 56 13.48 -14.71 -7.74
C VAL A 56 12.14 -15.01 -8.38
N VAL A 57 11.67 -16.25 -8.25
CA VAL A 57 10.30 -16.61 -8.64
C VAL A 57 9.54 -16.93 -7.36
N SER A 58 8.42 -16.24 -7.15
CA SER A 58 7.57 -16.55 -6.01
C SER A 58 6.40 -17.41 -6.48
N ILE A 59 6.02 -18.38 -5.65
CA ILE A 59 4.85 -19.22 -5.83
C ILE A 59 3.99 -19.04 -4.58
N PHE A 60 2.81 -18.43 -4.71
CA PHE A 60 1.95 -18.16 -3.56
C PHE A 60 0.49 -17.95 -3.97
N VAL A 61 -0.44 -18.60 -3.23
CA VAL A 61 -1.89 -18.42 -3.41
C VAL A 61 -2.59 -18.09 -2.08
N ASN A 62 -3.70 -17.30 -2.15
CA ASN A 62 -4.52 -17.03 -0.94
C ASN A 62 -5.95 -16.52 -1.23
N ARG A 63 -6.92 -16.92 -0.38
CA ARG A 63 -8.33 -16.47 -0.43
C ARG A 63 -8.54 -14.95 -0.38
N LEU A 64 -7.47 -14.15 -0.54
CA LEU A 64 -7.61 -12.72 -0.67
C LEU A 64 -7.57 -12.25 -2.12
N GLN A 65 -7.11 -13.11 -3.04
CA GLN A 65 -7.06 -12.73 -4.45
C GLN A 65 -7.54 -13.80 -5.42
N PHE A 66 -7.83 -15.02 -4.97
CA PHE A 66 -8.42 -15.96 -5.93
C PHE A 66 -9.78 -15.49 -6.46
N GLY A 67 -10.46 -14.59 -5.73
CA GLY A 67 -11.74 -13.98 -6.09
C GLY A 67 -12.63 -14.69 -7.09
N ARG A 77 -0.36 -28.81 -9.49
CA ARG A 77 0.99 -29.37 -9.51
C ARG A 77 1.70 -29.17 -8.18
N THR A 78 2.59 -30.10 -7.84
CA THR A 78 3.37 -30.00 -6.62
C THR A 78 4.41 -28.88 -6.73
N LEU A 79 4.91 -28.45 -5.56
CA LEU A 79 5.95 -27.43 -5.55
C LEU A 79 7.23 -27.96 -6.17
N GLN A 80 7.55 -29.24 -5.94
CA GLN A 80 8.78 -29.81 -6.44
C GLN A 80 8.79 -29.85 -7.96
N GLN A 81 7.64 -30.16 -8.57
CA GLN A 81 7.58 -30.17 -10.03
C GLN A 81 7.74 -28.76 -10.59
N ASP A 82 7.18 -27.75 -9.89
CA ASP A 82 7.38 -26.37 -10.28
C ASP A 82 8.85 -26.00 -10.17
N ALA A 83 9.49 -26.36 -9.06
CA ALA A 83 10.89 -26.00 -8.86
C ALA A 83 11.79 -26.66 -9.89
N ASP A 84 11.43 -27.85 -10.36
CA ASP A 84 12.25 -28.51 -11.36
C ASP A 84 12.23 -27.76 -12.68
N LYS A 85 11.07 -27.23 -13.07
CA LYS A 85 11.01 -26.45 -14.30
C LYS A 85 11.85 -25.18 -14.21
N LEU A 86 12.00 -24.61 -13.01
CA LEU A 86 12.73 -23.37 -12.84
C LEU A 86 14.24 -23.56 -12.68
N ALA A 87 14.67 -24.66 -12.06
CA ALA A 87 16.10 -24.89 -11.90
C ALA A 87 16.80 -24.89 -13.24
N ALA A 88 16.15 -25.42 -14.27
CA ALA A 88 16.69 -25.44 -15.62
C ALA A 88 16.83 -24.05 -16.23
N GLU A 89 16.20 -23.03 -15.66
CA GLU A 89 16.12 -21.71 -16.28
C GLU A 89 17.05 -20.67 -15.64
N GLY A 90 17.95 -21.07 -14.75
CA GLY A 90 18.81 -20.11 -14.08
C GLY A 90 18.12 -19.28 -13.01
N VAL A 91 17.16 -19.85 -12.31
CA VAL A 91 16.49 -19.16 -11.21
C VAL A 91 17.30 -19.36 -9.95
N ALA A 92 17.55 -18.27 -9.23
CA ALA A 92 18.35 -18.36 -8.02
C ALA A 92 17.52 -18.81 -6.83
N VAL A 93 16.30 -18.27 -6.69
CA VAL A 93 15.47 -18.51 -5.51
C VAL A 93 14.03 -18.74 -5.94
N VAL A 94 13.44 -19.83 -5.45
CA VAL A 94 12.00 -20.00 -5.47
C VAL A 94 11.50 -19.64 -4.08
N PHE A 95 10.70 -18.57 -3.99
CA PHE A 95 10.16 -18.09 -2.72
C PHE A 95 8.74 -18.65 -2.58
N ALA A 96 8.55 -19.58 -1.65
CA ALA A 96 7.26 -20.26 -1.48
C ALA A 96 6.83 -20.21 -0.02
N PRO A 97 6.31 -19.08 0.45
CA PRO A 97 5.83 -19.00 1.83
C PRO A 97 4.43 -19.57 1.96
N ASP A 98 4.09 -20.04 3.16
CA ASP A 98 2.72 -20.48 3.30
C ASP A 98 1.83 -19.27 3.58
N GLU A 99 0.52 -19.54 3.61
CA GLU A 99 -0.46 -18.49 3.81
C GLU A 99 -0.17 -17.70 5.09
N LYS A 100 0.12 -18.42 6.18
CA LYS A 100 0.37 -17.76 7.45
C LYS A 100 1.64 -16.89 7.43
N GLU A 101 2.63 -17.21 6.61
CA GLU A 101 3.83 -16.37 6.57
C GLU A 101 3.49 -14.96 6.10
N LEU A 102 2.67 -14.85 5.06
CA LEU A 102 2.30 -13.55 4.50
C LEU A 102 1.08 -12.93 5.18
N TYR A 103 0.17 -13.74 5.71
CA TYR A 103 -1.06 -13.24 6.32
C TYR A 103 -1.18 -13.85 7.71
N PRO A 104 -0.36 -13.39 8.65
CA PRO A 104 -0.29 -14.07 9.97
C PRO A 104 -1.56 -13.95 10.81
N ASN A 105 -2.39 -12.92 10.62
CA ASN A 105 -3.68 -12.80 11.31
C ASN A 105 -4.86 -13.21 10.45
N VAL A 106 -4.62 -13.80 9.28
CA VAL A 106 -5.65 -14.14 8.29
C VAL A 106 -6.20 -12.85 7.67
N GLU A 107 -6.80 -11.98 8.48
CA GLU A 107 -7.39 -10.77 7.93
C GLU A 107 -6.27 -9.83 7.49
N GLN A 108 -6.48 -9.16 6.38
CA GLN A 108 -5.59 -8.11 5.90
C GLN A 108 -6.26 -6.78 6.20
N ARG A 109 -5.76 -6.05 7.21
CA ARG A 109 -6.42 -4.82 7.65
C ARG A 109 -6.12 -3.65 6.71
N TYR A 110 -4.88 -3.56 6.22
CA TYR A 110 -4.43 -2.48 5.36
C TYR A 110 -4.27 -3.05 3.95
N ASN A 111 -5.07 -2.55 3.02
CA ASN A 111 -5.08 -3.05 1.65
C ASN A 111 -4.67 -1.93 0.69
N VAL A 112 -4.02 -2.30 -0.40
CA VAL A 112 -3.79 -1.33 -1.46
C VAL A 112 -5.06 -1.28 -2.29
N GLU A 113 -5.71 -0.12 -2.28
CA GLU A 113 -7.02 0.03 -2.88
C GLU A 113 -6.86 0.65 -4.27
N PRO A 114 -7.12 -0.10 -5.34
CA PRO A 114 -7.06 0.49 -6.69
C PRO A 114 -8.19 1.48 -6.91
N PRO A 115 -8.13 2.28 -7.98
CA PRO A 115 -9.28 3.09 -8.35
C PRO A 115 -10.38 2.22 -8.96
N HIS A 116 -11.35 2.87 -9.62
CA HIS A 116 -12.51 2.19 -10.15
C HIS A 116 -12.17 1.13 -11.19
N LEU A 117 -10.98 1.21 -11.82
CA LEU A 117 -10.54 0.13 -12.72
C LEU A 117 -10.76 -1.25 -12.09
N GLN A 118 -10.62 -1.36 -10.76
CA GLN A 118 -10.71 -2.66 -10.10
C GLN A 118 -12.09 -3.27 -10.22
N ASN A 119 -13.10 -2.46 -10.53
CA ASN A 119 -14.47 -2.93 -10.75
C ASN A 119 -14.85 -2.97 -12.24
N GLU A 120 -13.91 -2.72 -13.15
CA GLU A 120 -14.22 -2.78 -14.57
C GLU A 120 -13.68 -4.06 -15.16
N LEU A 121 -14.16 -4.39 -16.36
CA LEU A 121 -13.66 -5.54 -17.12
C LEU A 121 -13.72 -6.79 -16.25
N CYS A 122 -12.59 -7.48 -16.05
CA CYS A 122 -12.64 -8.71 -15.25
C CYS A 122 -13.08 -8.42 -13.82
N GLY A 123 -12.70 -7.26 -13.27
CA GLY A 123 -13.09 -6.98 -11.89
C GLY A 123 -14.59 -6.96 -11.72
N LYS A 124 -15.32 -6.67 -12.80
CA LYS A 124 -16.77 -6.73 -12.74
C LYS A 124 -17.22 -8.14 -12.36
N PHE A 125 -16.46 -9.16 -12.79
CA PHE A 125 -16.81 -10.55 -12.56
C PHE A 125 -15.96 -11.18 -11.48
N ARG A 126 -15.07 -10.42 -10.88
CA ARG A 126 -14.18 -10.90 -9.82
C ARG A 126 -14.09 -9.87 -8.70
N PRO A 127 -15.16 -9.69 -7.91
CA PRO A 127 -15.10 -8.69 -6.83
C PRO A 127 -13.98 -8.99 -5.85
N GLY A 128 -13.29 -7.94 -5.41
CA GLY A 128 -12.16 -8.09 -4.50
C GLY A 128 -10.83 -8.58 -5.10
N HIS A 129 -10.82 -9.10 -6.32
CA HIS A 129 -9.60 -9.70 -6.87
C HIS A 129 -8.47 -8.68 -7.06
N PHE A 130 -8.73 -7.57 -7.73
CA PHE A 130 -7.61 -6.69 -8.06
C PHE A 130 -7.13 -5.93 -6.82
N ARG A 131 -8.01 -5.67 -5.85
CA ARG A 131 -7.53 -5.22 -4.55
C ARG A 131 -6.57 -6.25 -3.95
N GLY A 132 -6.96 -7.53 -3.96
CA GLY A 132 -6.10 -8.55 -3.38
C GLY A 132 -4.80 -8.70 -4.14
N VAL A 133 -4.83 -8.60 -5.47
CA VAL A 133 -3.60 -8.64 -6.26
C VAL A 133 -2.71 -7.45 -5.93
N ALA A 134 -3.30 -6.25 -5.93
CA ALA A 134 -2.49 -5.06 -5.66
C ALA A 134 -1.85 -5.18 -4.30
N THR A 135 -2.60 -5.71 -3.32
CA THR A 135 -2.09 -5.81 -1.95
C THR A 135 -0.97 -6.83 -1.85
N VAL A 136 -1.19 -8.03 -2.41
CA VAL A 136 -0.17 -9.05 -2.25
C VAL A 136 1.09 -8.70 -3.07
N VAL A 137 0.95 -7.97 -4.18
CA VAL A 137 2.14 -7.60 -4.95
C VAL A 137 2.94 -6.55 -4.18
N SER A 138 2.25 -5.60 -3.54
CA SER A 138 2.97 -4.64 -2.71
C SER A 138 3.74 -5.34 -1.59
N LYS A 139 3.10 -6.31 -0.93
CA LYS A 139 3.76 -7.09 0.12
C LYS A 139 4.98 -7.83 -0.42
N LEU A 140 4.84 -8.47 -1.58
CA LEU A 140 5.97 -9.19 -2.15
C LEU A 140 7.07 -8.21 -2.55
N PHE A 141 6.68 -7.05 -3.10
CA PHE A 141 7.67 -6.02 -3.43
C PHE A 141 8.45 -5.61 -2.19
N ASN A 142 7.76 -5.42 -1.06
CA ASN A 142 8.44 -5.01 0.18
C ASN A 142 9.26 -6.13 0.81
N ILE A 143 8.96 -7.39 0.46
CA ILE A 143 9.73 -8.54 0.94
C ILE A 143 10.98 -8.76 0.08
N VAL A 144 10.79 -8.82 -1.25
CA VAL A 144 11.88 -9.19 -2.14
C VAL A 144 12.78 -7.98 -2.42
N LEU A 145 12.24 -6.78 -2.37
CA LEU A 145 12.95 -5.57 -2.75
C LEU A 145 13.62 -5.75 -4.12
N PRO A 146 12.85 -6.05 -5.17
CA PRO A 146 13.44 -6.27 -6.48
C PRO A 146 13.74 -4.96 -7.19
N ASP A 147 14.61 -5.06 -8.19
CA ASP A 147 14.88 -3.93 -9.08
C ASP A 147 14.02 -4.01 -10.34
N VAL A 148 13.60 -5.21 -10.71
CA VAL A 148 12.87 -5.46 -11.93
C VAL A 148 11.81 -6.49 -11.58
N ALA A 149 10.60 -6.30 -12.11
CA ALA A 149 9.52 -7.26 -11.93
C ALA A 149 8.81 -7.49 -13.26
N CYS A 150 8.59 -8.75 -13.61
CA CYS A 150 8.01 -9.13 -14.90
C CYS A 150 6.57 -9.63 -14.74
N PHE A 151 5.68 -9.16 -15.61
CA PHE A 151 4.29 -9.55 -15.61
C PHE A 151 3.82 -9.78 -17.04
N GLY A 152 2.84 -10.67 -17.20
CA GLY A 152 2.39 -11.09 -18.52
C GLY A 152 1.30 -10.18 -19.06
N LYS A 153 1.39 -9.88 -20.36
CA LYS A 153 0.42 -9.02 -21.01
C LYS A 153 -0.95 -9.70 -21.15
N LYS A 154 -1.01 -11.02 -21.08
CA LYS A 154 -2.29 -11.71 -21.12
C LYS A 154 -3.21 -11.17 -20.02
N ASP A 155 -2.65 -10.89 -18.85
CA ASP A 155 -3.44 -10.29 -17.77
C ASP A 155 -3.24 -8.77 -17.81
N TYR A 156 -3.84 -8.18 -18.85
CA TYR A 156 -3.57 -6.80 -19.18
C TYR A 156 -4.03 -5.86 -18.06
N GLN A 157 -5.24 -6.10 -17.53
CA GLN A 157 -5.76 -5.26 -16.46
C GLN A 157 -4.88 -5.36 -15.22
N GLN A 158 -4.48 -6.59 -14.85
CA GLN A 158 -3.52 -6.77 -13.77
C GLN A 158 -2.25 -5.97 -14.00
N LEU A 159 -1.72 -6.00 -15.23
CA LEU A 159 -0.50 -5.26 -15.52
C LEU A 159 -0.71 -3.77 -15.30
N ALA A 160 -1.84 -3.22 -15.77
CA ALA A 160 -2.10 -1.81 -15.52
C ALA A 160 -2.26 -1.52 -14.03
N VAL A 161 -2.88 -2.43 -13.28
CA VAL A 161 -3.02 -2.21 -11.84
C VAL A 161 -1.65 -2.18 -11.19
N ILE A 162 -0.74 -3.03 -11.65
CA ILE A 162 0.57 -3.09 -11.00
C ILE A 162 1.44 -1.90 -11.39
N LYS A 163 1.37 -1.46 -12.65
CA LYS A 163 2.05 -0.22 -13.04
C LYS A 163 1.50 0.96 -12.26
N GLY A 164 0.18 1.02 -12.09
CA GLY A 164 -0.40 2.15 -11.37
C GLY A 164 0.05 2.21 -9.92
N LEU A 165 0.01 1.08 -9.20
CA LEU A 165 0.44 1.11 -7.80
C LEU A 165 1.94 1.38 -7.67
N THR A 166 2.75 0.85 -8.60
CA THR A 166 4.20 1.09 -8.60
C THR A 166 4.49 2.58 -8.68
N GLU A 167 3.82 3.28 -9.59
CA GLU A 167 3.96 4.72 -9.70
C GLU A 167 3.37 5.44 -8.47
N ASP A 168 2.12 5.13 -8.11
CA ASP A 168 1.45 5.94 -7.08
C ASP A 168 2.08 5.77 -5.71
N LEU A 169 2.66 4.61 -5.42
CA LEU A 169 3.28 4.35 -4.12
C LEU A 169 4.81 4.44 -4.19
N ASN A 170 5.36 4.91 -5.32
CA ASN A 170 6.80 5.18 -5.47
C ASN A 170 7.66 3.95 -5.17
N PHE A 171 7.19 2.79 -5.60
CA PHE A 171 8.05 1.61 -5.60
C PHE A 171 9.15 1.81 -6.65
N ASP A 172 10.40 1.73 -6.24
CA ASP A 172 11.53 1.95 -7.16
C ASP A 172 11.83 0.68 -7.95
N ILE A 173 10.86 0.27 -8.76
CA ILE A 173 10.90 -1.02 -9.44
C ILE A 173 10.54 -0.82 -10.90
N GLU A 174 11.35 -1.39 -11.78
CA GLU A 174 11.07 -1.37 -13.20
C GLU A 174 10.09 -2.48 -13.55
N ILE A 175 8.94 -2.12 -14.10
CA ILE A 175 7.91 -3.08 -14.45
C ILE A 175 8.04 -3.47 -15.92
N VAL A 176 8.33 -4.74 -16.18
CA VAL A 176 8.65 -5.23 -17.52
C VAL A 176 7.49 -6.10 -18.00
N PRO A 177 6.68 -5.63 -18.93
CA PRO A 177 5.62 -6.50 -19.49
C PRO A 177 6.17 -7.50 -20.51
N VAL A 178 5.62 -8.71 -20.47
CA VAL A 178 6.08 -9.80 -21.34
C VAL A 178 4.93 -10.29 -22.20
N ASP A 179 5.21 -10.52 -23.47
CA ASP A 179 4.17 -10.86 -24.43
C ASP A 179 3.60 -12.24 -24.10
N THR A 180 2.32 -12.41 -24.43
CA THR A 180 1.60 -13.66 -24.15
C THR A 180 2.18 -14.81 -24.97
N GLY A 181 2.70 -15.82 -24.28
CA GLY A 181 3.01 -17.08 -24.94
C GLY A 181 1.74 -17.82 -25.30
N ARG A 182 1.72 -18.39 -26.50
CA ARG A 182 0.54 -19.03 -27.07
C ARG A 182 0.83 -20.46 -27.50
N ALA A 183 -0.24 -21.25 -27.55
CA ALA A 183 -0.15 -22.55 -28.20
C ALA A 183 -0.04 -22.37 -29.71
N ALA A 184 0.21 -23.47 -30.41
CA ALA A 184 0.33 -23.39 -31.87
C ALA A 184 -0.96 -22.91 -32.52
N ASP A 185 -2.11 -23.24 -31.94
CA ASP A 185 -3.39 -22.82 -32.48
C ASP A 185 -3.79 -21.41 -32.04
N GLY A 186 -2.88 -20.67 -31.41
CA GLY A 186 -3.15 -19.33 -30.96
C GLY A 186 -3.62 -19.21 -29.53
N LEU A 187 -4.06 -20.32 -28.91
CA LEU A 187 -4.64 -20.23 -27.58
C LEU A 187 -3.61 -19.73 -26.57
N ALA A 188 -3.99 -18.70 -25.82
CA ALA A 188 -3.09 -18.18 -24.81
C ALA A 188 -2.87 -19.22 -23.71
N LEU A 189 -1.61 -19.54 -23.43
CA LEU A 189 -1.27 -20.53 -22.43
C LEU A 189 -1.73 -20.07 -21.04
N SER A 190 -2.30 -21.01 -20.28
CA SER A 190 -2.83 -20.73 -18.96
C SER A 190 -3.03 -22.03 -18.20
N SER A 191 -2.85 -21.96 -16.88
CA SER A 191 -3.10 -23.12 -16.03
C SER A 191 -4.53 -23.63 -16.19
N ARG A 192 -5.48 -22.70 -16.41
CA ARG A 192 -6.89 -23.05 -16.59
C ARG A 192 -7.12 -23.97 -17.78
N ASN A 193 -6.21 -24.02 -18.75
CA ASN A 193 -6.45 -24.78 -19.98
C ASN A 193 -6.56 -26.28 -19.71
N ARG A 194 -5.91 -26.78 -18.65
CA ARG A 194 -5.96 -28.22 -18.39
C ARG A 194 -7.36 -28.70 -18.02
N TYR A 195 -8.25 -27.82 -17.57
CA TYR A 195 -9.60 -28.18 -17.20
C TYR A 195 -10.55 -28.27 -18.39
N LEU A 196 -10.11 -27.89 -19.59
CA LEU A 196 -10.98 -27.85 -20.76
C LEU A 196 -11.24 -29.26 -21.30
N SER A 197 -12.50 -29.54 -21.63
CA SER A 197 -12.85 -30.81 -22.25
C SER A 197 -12.20 -30.92 -23.64
N VAL A 198 -12.36 -32.10 -24.24
CA VAL A 198 -11.79 -32.33 -25.56
C VAL A 198 -12.42 -31.38 -26.58
N GLY A 199 -13.75 -31.32 -26.59
CA GLY A 199 -14.44 -30.42 -27.50
C GLY A 199 -14.15 -28.96 -27.17
N GLU A 200 -14.11 -28.62 -25.88
CA GLU A 200 -13.91 -27.23 -25.48
C GLU A 200 -12.53 -26.73 -25.91
N ARG A 201 -11.50 -27.58 -25.81
CA ARG A 201 -10.16 -27.16 -26.22
C ARG A 201 -10.09 -26.88 -27.72
N ALA A 202 -10.81 -27.67 -28.52
CA ALA A 202 -10.86 -27.43 -29.95
C ALA A 202 -11.60 -26.14 -30.28
N GLU A 203 -12.57 -25.75 -29.46
CA GLU A 203 -13.31 -24.51 -29.68
C GLU A 203 -12.59 -23.29 -29.09
N ALA A 204 -11.72 -23.49 -28.09
CA ALA A 204 -11.12 -22.35 -27.40
C ALA A 204 -10.34 -21.37 -28.27
N PRO A 205 -9.66 -21.76 -29.37
CA PRO A 205 -8.94 -20.75 -30.16
C PRO A 205 -9.83 -19.72 -30.84
N ARG A 206 -11.16 -19.90 -30.86
CA ARG A 206 -12.03 -18.91 -31.48
C ARG A 206 -11.98 -17.56 -30.73
N LEU A 207 -11.67 -17.57 -29.44
CA LEU A 207 -11.59 -16.33 -28.70
C LEU A 207 -10.53 -15.39 -29.29
N TYR A 208 -9.31 -15.90 -29.43
CA TYR A 208 -8.24 -15.09 -30.00
C TYR A 208 -8.54 -14.73 -31.46
N ARG A 209 -9.12 -15.64 -32.22
CA ARG A 209 -9.44 -15.37 -33.62
C ARG A 209 -10.39 -14.20 -33.77
N GLU A 210 -11.43 -14.12 -32.92
CA GLU A 210 -12.34 -12.99 -33.03
C GLU A 210 -11.65 -11.69 -32.60
N LEU A 211 -10.83 -11.74 -31.54
CA LEU A 211 -10.08 -10.56 -31.13
C LEU A 211 -9.18 -10.06 -32.28
N GLN A 212 -8.50 -10.97 -32.98
CA GLN A 212 -7.69 -10.56 -34.13
C GLN A 212 -8.55 -9.96 -35.22
N ALA A 213 -9.75 -10.52 -35.44
CA ALA A 213 -10.64 -9.95 -36.44
C ALA A 213 -11.11 -8.55 -36.03
N VAL A 214 -11.37 -8.33 -34.74
CA VAL A 214 -11.67 -6.96 -34.29
C VAL A 214 -10.48 -6.05 -34.54
N ALA A 215 -9.27 -6.53 -34.21
CA ALA A 215 -8.09 -5.70 -34.42
C ALA A 215 -7.93 -5.38 -35.90
N GLU A 216 -8.28 -6.34 -36.75
CA GLU A 216 -8.19 -6.11 -38.19
C GLU A 216 -9.17 -5.03 -38.66
N SER A 217 -10.40 -5.01 -38.12
CA SER A 217 -11.34 -3.94 -38.46
C SER A 217 -10.81 -2.58 -38.04
N LEU A 218 -10.22 -2.50 -36.86
CA LEU A 218 -9.65 -1.25 -36.37
C LEU A 218 -8.49 -0.80 -37.24
N LYS A 219 -7.61 -1.72 -37.63
CA LYS A 219 -6.51 -1.35 -38.53
C LYS A 219 -7.04 -0.85 -39.86
N GLN A 220 -8.25 -1.25 -40.25
CA GLN A 220 -8.84 -0.78 -41.51
C GLN A 220 -9.77 0.41 -41.29
N GLY A 221 -9.55 1.18 -40.21
CA GLY A 221 -10.28 2.41 -40.04
C GLY A 221 -11.68 2.27 -39.49
N GLY A 222 -12.08 1.08 -39.05
CA GLY A 222 -13.39 0.93 -38.46
C GLY A 222 -13.56 1.80 -37.22
N LEU A 223 -14.68 2.51 -37.13
CA LEU A 223 -14.94 3.41 -36.01
C LEU A 223 -16.11 2.97 -35.14
N ASP A 224 -16.85 1.95 -35.55
CA ASP A 224 -18.02 1.50 -34.78
C ASP A 224 -17.53 0.52 -33.73
N TYR A 225 -16.89 1.07 -32.69
CA TYR A 225 -16.29 0.23 -31.65
C TYR A 225 -17.34 -0.62 -30.96
N ALA A 226 -18.46 0.02 -30.59
CA ALA A 226 -19.51 -0.69 -29.88
C ALA A 226 -20.07 -1.82 -30.71
N GLY A 227 -20.24 -1.60 -32.01
CA GLY A 227 -20.72 -2.67 -32.89
C GLY A 227 -19.73 -3.82 -33.00
N LEU A 228 -18.43 -3.52 -33.03
CA LEU A 228 -17.43 -4.58 -33.10
C LEU A 228 -17.44 -5.42 -31.82
N GLU A 229 -17.51 -4.78 -30.66
CA GLU A 229 -17.60 -5.50 -29.39
C GLU A 229 -18.82 -6.43 -29.38
N ARG A 230 -19.98 -5.94 -29.81
CA ARG A 230 -21.19 -6.77 -29.81
C ARG A 230 -21.07 -7.94 -30.78
N GLN A 231 -20.52 -7.70 -31.97
CA GLN A 231 -20.48 -8.78 -32.96
C GLN A 231 -19.64 -9.94 -32.47
N ALA A 232 -18.49 -9.65 -31.88
CA ALA A 232 -17.62 -10.69 -31.34
C ALA A 232 -18.27 -11.43 -30.18
N ALA A 233 -18.92 -10.69 -29.28
CA ALA A 233 -19.62 -11.32 -28.16
C ALA A 233 -20.74 -12.20 -28.69
N ASP A 234 -21.53 -11.69 -29.64
CA ASP A 234 -22.65 -12.46 -30.17
C ASP A 234 -22.16 -13.71 -30.89
N HIS A 235 -21.04 -13.60 -31.63
CA HIS A 235 -20.56 -14.76 -32.36
C HIS A 235 -20.04 -15.82 -31.39
N LEU A 236 -19.33 -15.39 -30.34
CA LEU A 236 -18.89 -16.32 -29.32
C LEU A 236 -20.10 -16.92 -28.59
N THR A 237 -21.11 -16.11 -28.29
CA THR A 237 -22.34 -16.66 -27.69
C THR A 237 -22.97 -17.67 -28.63
N ALA A 238 -23.09 -17.30 -29.91
CA ALA A 238 -23.68 -18.22 -30.88
C ALA A 238 -22.87 -19.51 -30.99
N ALA A 239 -21.57 -19.46 -30.71
CA ALA A 239 -20.73 -20.66 -30.80
C ALA A 239 -20.70 -21.47 -29.51
N GLY A 240 -21.45 -21.06 -28.48
CA GLY A 240 -21.60 -21.84 -27.26
C GLY A 240 -20.91 -21.24 -26.06
N TRP A 241 -20.20 -20.13 -26.20
CA TRP A 241 -19.53 -19.46 -25.11
C TRP A 241 -20.51 -18.64 -24.28
N LEU A 242 -20.14 -18.42 -23.02
CA LEU A 242 -20.82 -17.47 -22.16
C LEU A 242 -19.85 -16.30 -22.01
N VAL A 243 -20.20 -15.18 -22.62
CA VAL A 243 -19.27 -14.08 -22.76
C VAL A 243 -19.42 -13.17 -21.54
N ASP A 244 -18.31 -12.91 -20.84
CA ASP A 244 -18.36 -11.85 -19.84
C ASP A 244 -18.28 -10.48 -20.51
N TYR A 245 -17.32 -10.28 -21.41
CA TYR A 245 -17.18 -8.98 -22.06
C TYR A 245 -16.27 -9.10 -23.27
N VAL A 246 -16.46 -8.18 -24.20
CA VAL A 246 -15.49 -7.81 -25.22
C VAL A 246 -15.44 -6.29 -25.23
N GLU A 247 -14.25 -5.71 -25.08
CA GLU A 247 -14.15 -4.28 -24.98
C GLU A 247 -12.91 -3.76 -25.68
N ILE A 248 -13.07 -2.65 -26.39
CA ILE A 248 -11.97 -1.89 -26.96
C ILE A 248 -11.65 -0.75 -26.01
N ARG A 249 -10.40 -0.70 -25.57
CA ARG A 249 -9.95 0.27 -24.59
C ARG A 249 -8.66 0.88 -25.09
N ARG A 250 -8.25 1.98 -24.46
CA ARG A 250 -6.97 2.59 -24.78
C ARG A 250 -5.85 1.72 -24.23
N ALA A 251 -4.77 1.55 -25.01
CA ALA A 251 -3.66 0.73 -24.57
C ALA A 251 -3.02 1.30 -23.30
N ASP A 252 -2.38 0.42 -22.52
CA ASP A 252 -1.63 0.75 -21.31
C ASP A 252 -2.51 1.19 -20.15
N THR A 253 -3.29 2.26 -20.34
CA THR A 253 -4.07 2.82 -19.25
C THR A 253 -5.45 2.17 -19.12
N LEU A 254 -5.95 1.53 -20.18
CA LEU A 254 -7.28 0.91 -20.22
C LEU A 254 -8.39 1.91 -20.01
N GLU A 255 -8.09 3.19 -20.19
CA GLU A 255 -9.13 4.20 -20.29
C GLU A 255 -10.07 3.82 -21.44
N MET A 256 -11.31 4.30 -21.34
CA MET A 256 -12.28 4.03 -22.40
C MET A 256 -11.78 4.59 -23.73
N ALA A 257 -12.00 3.83 -24.80
CA ALA A 257 -11.55 4.23 -26.13
C ALA A 257 -12.47 5.27 -26.77
N ARG A 258 -11.86 6.24 -27.44
CA ARG A 258 -12.56 7.27 -28.20
C ARG A 258 -12.27 7.11 -29.69
N ALA A 259 -13.20 7.63 -30.50
CA ALA A 259 -13.25 7.29 -31.93
C ALA A 259 -11.93 7.52 -32.67
N GLY A 260 -11.19 8.57 -32.36
CA GLY A 260 -9.97 8.74 -33.14
C GLY A 260 -8.74 7.95 -32.71
N ASP A 261 -8.82 7.19 -31.60
CA ASP A 261 -7.65 6.65 -30.93
C ASP A 261 -6.77 5.77 -31.82
N LYS A 262 -5.45 5.91 -31.65
CA LYS A 262 -4.50 5.16 -32.45
C LYS A 262 -3.83 4.02 -31.70
N LYS A 263 -3.76 4.07 -30.37
CA LYS A 263 -3.15 3.02 -29.54
C LYS A 263 -4.27 2.36 -28.73
N LEU A 264 -4.70 1.19 -29.19
CA LEU A 264 -5.87 0.54 -28.63
C LEU A 264 -5.55 -0.87 -28.17
N VAL A 265 -6.45 -1.44 -27.37
CA VAL A 265 -6.36 -2.83 -27.00
C VAL A 265 -7.77 -3.39 -26.94
N VAL A 266 -7.94 -4.57 -27.53
CA VAL A 266 -9.21 -5.27 -27.53
C VAL A 266 -9.08 -6.39 -26.51
N LEU A 267 -10.00 -6.43 -25.55
CA LEU A 267 -9.94 -7.41 -24.47
C LEU A 267 -11.23 -8.21 -24.41
N ALA A 268 -11.10 -9.48 -24.02
CA ALA A 268 -12.24 -10.36 -23.93
C ALA A 268 -12.05 -11.32 -22.76
N ALA A 269 -13.19 -11.72 -22.18
CA ALA A 269 -13.26 -12.81 -21.21
C ALA A 269 -14.54 -13.56 -21.49
N ALA A 270 -14.44 -14.88 -21.54
CA ALA A 270 -15.57 -15.71 -21.91
C ALA A 270 -15.33 -17.10 -21.36
N ARG A 271 -16.42 -17.84 -21.19
CA ARG A 271 -16.38 -19.13 -20.53
C ARG A 271 -16.78 -20.22 -21.51
N LEU A 272 -16.01 -21.30 -21.55
CA LEU A 272 -16.44 -22.55 -22.18
C LEU A 272 -16.76 -23.51 -21.05
N GLY A 273 -18.04 -23.82 -20.88
CA GLY A 273 -18.42 -24.64 -19.75
C GLY A 273 -17.93 -24.00 -18.47
N THR A 274 -17.17 -24.78 -17.70
CA THR A 274 -16.74 -24.40 -16.36
C THR A 274 -15.48 -23.53 -16.32
N THR A 275 -14.80 -23.30 -17.44
CA THR A 275 -13.49 -22.68 -17.44
C THR A 275 -13.54 -21.30 -18.08
N ARG A 276 -13.08 -20.29 -17.34
CA ARG A 276 -13.11 -18.90 -17.81
C ARG A 276 -11.80 -18.55 -18.50
N LEU A 277 -11.88 -18.05 -19.74
CA LEU A 277 -10.70 -17.69 -20.51
C LEU A 277 -10.69 -16.21 -20.85
N ILE A 278 -9.48 -15.63 -20.84
CA ILE A 278 -9.27 -14.22 -21.17
C ILE A 278 -8.11 -14.13 -22.17
N ASP A 279 -8.15 -13.07 -22.96
CA ASP A 279 -7.08 -12.79 -23.93
C ASP A 279 -7.27 -11.36 -24.39
N ASN A 280 -6.31 -10.87 -25.18
CA ASN A 280 -6.35 -9.52 -25.71
C ASN A 280 -5.41 -9.41 -26.90
N VAL A 281 -5.64 -8.37 -27.72
CA VAL A 281 -4.80 -8.03 -28.86
C VAL A 281 -4.59 -6.53 -28.84
N GLU A 282 -3.34 -6.10 -28.88
CA GLU A 282 -3.02 -4.68 -28.98
C GLU A 282 -3.03 -4.24 -30.45
N VAL A 283 -3.47 -3.02 -30.67
CA VAL A 283 -3.55 -2.43 -32.01
C VAL A 283 -2.89 -1.06 -31.97
N GLY A 284 -2.05 -0.80 -32.97
CA GLY A 284 -1.40 0.48 -33.14
C GLY A 284 -1.73 1.08 -34.49
N LEU A 285 -2.56 2.07 -34.50
CA LEU A 285 -2.97 2.67 -35.76
C LEU A 285 -1.99 3.75 -36.21
N PRO A 286 -1.82 3.91 -37.53
CA PRO A 286 -0.94 4.94 -38.07
C PRO A 286 -1.58 6.33 -37.98
N HIS B 8 27.58 19.88 5.80
CA HIS B 8 27.16 18.75 6.60
C HIS B 8 25.78 18.32 6.17
N MET B 9 24.77 19.10 6.58
CA MET B 9 23.38 18.75 6.29
C MET B 9 23.02 19.11 4.85
N GLN B 10 22.25 18.24 4.21
CA GLN B 10 21.81 18.44 2.84
C GLN B 10 20.29 18.66 2.79
N ILE B 11 19.87 19.57 1.92
CA ILE B 11 18.46 19.76 1.60
C ILE B 11 18.24 19.15 0.22
N ILE B 12 17.36 18.16 0.15
CA ILE B 12 17.09 17.42 -1.08
C ILE B 12 15.60 17.52 -1.40
N HIS B 13 15.29 17.87 -2.65
CA HIS B 13 13.92 18.15 -3.07
C HIS B 13 13.35 17.16 -4.07
N THR B 14 14.17 16.31 -4.66
CA THR B 14 13.69 15.37 -5.67
C THR B 14 13.82 13.95 -5.12
N ILE B 15 12.94 13.08 -5.61
CA ILE B 15 13.03 11.66 -5.28
C ILE B 15 14.34 11.09 -5.80
N ARG B 16 14.74 11.48 -7.03
CA ARG B 16 15.95 10.94 -7.64
C ARG B 16 17.19 11.29 -6.82
N GLU B 17 17.27 12.54 -6.36
CA GLU B 17 18.43 12.93 -5.56
C GLU B 17 18.40 12.29 -4.18
N LEU B 18 17.22 12.09 -3.62
CA LEU B 18 17.15 11.41 -2.32
C LEU B 18 17.64 9.97 -2.45
N ARG B 19 17.13 9.25 -3.45
CA ARG B 19 17.56 7.86 -3.67
C ARG B 19 19.06 7.79 -3.96
N THR B 20 19.58 8.72 -4.76
CA THR B 20 21.02 8.73 -5.03
C THR B 20 21.81 8.89 -3.73
N TRP B 21 21.35 9.78 -2.84
CA TRP B 21 22.05 9.96 -1.58
C TRP B 21 21.93 8.73 -0.68
N ARG B 22 20.76 8.09 -0.66
CA ARG B 22 20.51 7.02 0.32
C ARG B 22 21.26 5.74 -0.01
N GLU B 23 21.44 5.44 -1.29
CA GLU B 23 22.29 4.32 -1.65
C GLU B 23 23.71 4.60 -1.16
N ASN B 24 24.45 3.53 -0.84
CA ASN B 24 25.82 3.60 -0.32
C ASN B 24 25.85 4.08 1.13
N THR B 25 24.78 4.71 1.60
CA THR B 25 24.64 5.07 3.00
C THR B 25 24.17 3.84 3.78
N GLY B 26 24.59 3.73 5.04
CA GLY B 26 24.16 2.60 5.82
C GLY B 26 22.78 2.72 6.43
N LYS B 27 22.73 2.63 7.76
CA LYS B 27 21.46 2.66 8.47
C LYS B 27 20.87 4.06 8.41
N VAL B 28 19.56 4.14 8.23
CA VAL B 28 18.86 5.42 8.16
C VAL B 28 17.69 5.39 9.14
N ALA B 29 17.61 6.41 9.98
CA ALA B 29 16.45 6.67 10.82
C ALA B 29 15.70 7.84 10.21
N PHE B 30 14.38 7.75 10.20
CA PHE B 30 13.53 8.62 9.41
C PHE B 30 12.46 9.26 10.29
N VAL B 31 12.31 10.57 10.19
CA VAL B 31 11.28 11.29 10.93
C VAL B 31 10.41 12.08 9.94
N PRO B 32 9.18 11.64 9.67
CA PRO B 32 8.31 12.43 8.79
C PRO B 32 7.53 13.49 9.54
N THR B 33 7.51 14.69 8.96
CA THR B 33 6.84 15.84 9.55
C THR B 33 6.17 16.64 8.46
N MET B 34 5.33 17.58 8.89
CA MET B 34 4.72 18.58 8.02
C MET B 34 5.33 19.96 8.25
N GLY B 35 6.57 20.00 8.75
CA GLY B 35 7.23 21.27 8.96
C GLY B 35 6.68 22.00 10.18
N ASN B 36 6.99 23.30 10.24
CA ASN B 36 6.67 24.14 11.40
C ASN B 36 7.23 23.52 12.67
N LEU B 37 8.51 23.15 12.62
CA LEU B 37 9.06 22.26 13.64
C LEU B 37 9.12 22.96 14.98
N HIS B 38 8.86 22.19 16.05
CA HIS B 38 8.95 22.68 17.42
C HIS B 38 9.56 21.58 18.29
N GLU B 39 9.63 21.85 19.60
CA GLU B 39 10.32 20.95 20.51
C GLU B 39 9.78 19.53 20.46
N GLY B 40 8.47 19.38 20.26
CA GLY B 40 7.91 18.04 20.13
C GLY B 40 8.58 17.25 19.01
N HIS B 41 8.89 17.93 17.91
CA HIS B 41 9.56 17.27 16.79
C HIS B 41 11.00 16.90 17.13
N LEU B 42 11.69 17.75 17.88
CA LEU B 42 13.09 17.48 18.19
C LEU B 42 13.24 16.22 19.05
N ALA B 43 12.27 15.94 19.91
CA ALA B 43 12.25 14.66 20.61
C ALA B 43 12.33 13.51 19.62
N LEU B 44 11.55 13.59 18.54
CA LEU B 44 11.64 12.58 17.49
C LEU B 44 13.04 12.53 16.90
N VAL B 45 13.61 13.70 16.62
CA VAL B 45 14.92 13.76 15.99
C VAL B 45 16.00 13.20 16.93
N ARG B 46 15.94 13.55 18.22
CA ARG B 46 16.97 13.08 19.13
C ARG B 46 16.94 11.57 19.30
N GLU B 47 15.74 11.00 19.42
CA GLU B 47 15.62 9.56 19.47
C GLU B 47 16.13 8.93 18.19
N ALA B 48 15.78 9.54 17.04
CA ALA B 48 16.27 9.03 15.76
C ALA B 48 17.78 8.96 15.73
N ARG B 49 18.45 10.05 16.14
CA ARG B 49 19.91 10.10 16.11
C ARG B 49 20.54 9.10 17.06
N LYS B 50 19.81 8.66 18.10
CA LYS B 50 20.34 7.61 18.95
C LYS B 50 20.27 6.24 18.28
N ARG B 51 19.58 6.11 17.14
CA ARG B 51 19.40 4.82 16.48
C ARG B 51 20.09 4.69 15.13
N ALA B 52 20.57 5.79 14.56
CA ALA B 52 21.30 5.69 13.30
C ALA B 52 22.17 6.93 13.13
N ASP B 53 23.33 6.74 12.51
CA ASP B 53 24.20 7.87 12.23
C ASP B 53 23.59 8.80 11.19
N ASN B 54 22.74 8.29 10.31
CA ASN B 54 22.16 9.09 9.24
C ASN B 54 20.67 9.24 9.50
N VAL B 55 20.28 10.47 9.85
CA VAL B 55 18.90 10.80 10.15
C VAL B 55 18.35 11.61 8.98
N VAL B 56 17.25 11.12 8.41
CA VAL B 56 16.49 11.82 7.38
C VAL B 56 15.22 12.36 8.02
N VAL B 57 14.98 13.66 7.86
CA VAL B 57 13.74 14.30 8.29
C VAL B 57 13.02 14.77 7.04
N SER B 58 11.78 14.35 6.85
CA SER B 58 10.99 14.84 5.73
C SER B 58 10.08 15.96 6.19
N ILE B 59 9.96 16.98 5.35
CA ILE B 59 9.07 18.09 5.59
C ILE B 59 8.16 18.16 4.37
N PHE B 60 6.90 17.83 4.56
CA PHE B 60 5.96 17.80 3.45
C PHE B 60 4.56 17.98 4.02
N VAL B 61 3.78 18.83 3.38
CA VAL B 61 2.40 19.03 3.78
C VAL B 61 1.57 18.36 2.70
N ASN B 62 0.57 17.62 3.13
CA ASN B 62 -0.04 16.58 2.30
C ASN B 62 -1.49 16.99 2.10
N ARG B 63 -1.84 17.29 0.84
CA ARG B 63 -3.21 17.68 0.51
C ARG B 63 -4.22 16.58 0.83
N LEU B 64 -3.78 15.33 0.93
CA LEU B 64 -4.63 14.16 1.08
C LEU B 64 -5.05 13.86 2.52
N GLN B 65 -4.51 14.57 3.52
CA GLN B 65 -4.89 14.31 4.90
C GLN B 65 -5.46 15.53 5.61
N PHE B 66 -5.47 16.70 4.97
CA PHE B 66 -6.15 17.88 5.49
C PHE B 66 -7.67 17.71 5.43
N GLY B 67 -8.37 18.53 6.22
CA GLY B 67 -9.82 18.52 6.24
C GLY B 67 -10.44 19.65 5.44
N TYR B 75 -2.00 26.89 6.64
CA TYR B 75 -0.95 26.11 7.29
C TYR B 75 0.41 26.71 6.95
N PRO B 76 1.17 27.12 7.96
CA PRO B 76 2.42 27.87 7.71
C PRO B 76 3.50 27.01 7.07
N ARG B 77 4.51 27.71 6.51
CA ARG B 77 5.61 27.06 5.79
C ARG B 77 6.90 27.13 6.61
N THR B 78 7.54 28.31 6.69
CA THR B 78 8.73 28.55 7.50
C THR B 78 9.81 27.48 7.25
N LEU B 79 10.11 27.27 5.96
CA LEU B 79 11.12 26.28 5.57
C LEU B 79 12.52 26.66 6.06
N GLN B 80 12.86 27.95 6.01
CA GLN B 80 14.21 28.33 6.41
C GLN B 80 14.43 28.10 7.89
N GLN B 81 13.45 28.44 8.73
CA GLN B 81 13.62 28.26 10.16
C GLN B 81 13.69 26.78 10.54
N ASP B 82 12.95 25.92 9.83
CA ASP B 82 12.92 24.50 10.15
C ASP B 82 14.30 23.87 10.02
N ALA B 83 14.97 24.08 8.89
CA ALA B 83 16.25 23.43 8.66
C ALA B 83 17.31 23.88 9.66
N ASP B 84 17.19 25.12 10.15
CA ASP B 84 18.13 25.61 11.15
C ASP B 84 17.96 24.87 12.47
N LYS B 85 16.71 24.60 12.88
CA LYS B 85 16.48 23.88 14.13
C LYS B 85 17.00 22.45 14.03
N LEU B 86 16.99 21.86 12.83
CA LEU B 86 17.42 20.48 12.64
C LEU B 86 18.93 20.36 12.44
N ALA B 87 19.56 21.36 11.83
CA ALA B 87 21.02 21.33 11.67
C ALA B 87 21.70 21.18 13.03
N ALA B 88 21.17 21.85 14.06
CA ALA B 88 21.75 21.77 15.39
C ALA B 88 21.60 20.39 16.01
N GLU B 89 20.72 19.54 15.47
CA GLU B 89 20.41 18.26 16.08
C GLU B 89 21.08 17.09 15.36
N GLY B 90 21.99 17.38 14.44
CA GLY B 90 22.71 16.34 13.73
C GLY B 90 21.91 15.63 12.67
N VAL B 91 21.00 16.33 11.98
CA VAL B 91 20.22 15.71 10.92
C VAL B 91 21.06 15.68 9.65
N ALA B 92 21.07 14.53 8.98
CA ALA B 92 21.87 14.38 7.77
C ALA B 92 21.20 14.99 6.55
N VAL B 93 19.90 14.72 6.35
CA VAL B 93 19.19 15.14 5.15
C VAL B 93 17.79 15.62 5.54
N VAL B 94 17.42 16.80 5.06
CA VAL B 94 16.04 17.27 5.09
C VAL B 94 15.44 17.05 3.71
N PHE B 95 14.45 16.16 3.62
CA PHE B 95 13.79 15.86 2.35
C PHE B 95 12.50 16.67 2.29
N ALA B 96 12.48 17.67 1.38
CA ALA B 96 11.35 18.59 1.25
C ALA B 96 10.93 18.69 -0.21
N PRO B 97 10.15 17.72 -0.69
CA PRO B 97 9.65 17.76 -2.06
C PRO B 97 8.42 18.66 -2.17
N ASP B 98 8.16 19.15 -3.38
CA ASP B 98 6.92 19.88 -3.59
C ASP B 98 5.79 18.90 -3.88
N GLU B 99 4.57 19.44 -3.97
CA GLU B 99 3.40 18.60 -4.17
C GLU B 99 3.50 17.74 -5.41
N LYS B 100 3.82 18.37 -6.55
CA LYS B 100 3.86 17.65 -7.82
C LYS B 100 4.92 16.56 -7.80
N GLU B 101 5.96 16.70 -6.99
CA GLU B 101 6.99 15.67 -6.93
C GLU B 101 6.42 14.35 -6.44
N LEU B 102 5.60 14.40 -5.38
CA LEU B 102 4.95 13.22 -4.80
C LEU B 102 3.64 12.87 -5.47
N TYR B 103 2.93 13.86 -6.01
CA TYR B 103 1.63 13.67 -6.65
C TYR B 103 1.69 14.25 -8.06
N PRO B 104 2.39 13.61 -8.99
CA PRO B 104 2.63 14.23 -10.32
C PRO B 104 1.36 14.36 -11.14
N ASN B 105 0.38 13.51 -10.89
CA ASN B 105 -0.94 13.61 -11.46
C ASN B 105 -1.81 14.26 -10.39
N VAL B 106 -3.01 14.68 -10.76
CA VAL B 106 -3.84 15.35 -9.76
C VAL B 106 -4.22 14.35 -8.67
N GLU B 107 -4.97 13.34 -9.06
CA GLU B 107 -5.46 12.32 -8.16
C GLU B 107 -4.36 11.34 -7.76
N GLN B 108 -4.50 10.81 -6.55
CA GLN B 108 -3.77 9.65 -6.08
C GLN B 108 -4.71 8.47 -6.30
N ARG B 109 -4.40 7.65 -7.32
CA ARG B 109 -5.32 6.57 -7.70
C ARG B 109 -5.25 5.37 -6.76
N TYR B 110 -4.04 5.02 -6.29
CA TYR B 110 -3.82 3.86 -5.44
C TYR B 110 -3.54 4.36 -4.03
N ASN B 111 -4.43 4.02 -3.09
CA ASN B 111 -4.33 4.48 -1.71
C ASN B 111 -4.17 3.28 -0.80
N VAL B 112 -3.49 3.49 0.31
CA VAL B 112 -3.45 2.47 1.35
C VAL B 112 -4.70 2.63 2.22
N GLU B 113 -5.58 1.63 2.21
CA GLU B 113 -6.89 1.73 2.85
C GLU B 113 -6.83 1.14 4.26
N PRO B 114 -6.91 1.95 5.32
CA PRO B 114 -6.92 1.41 6.69
C PRO B 114 -8.18 0.61 6.95
N PRO B 115 -8.22 -0.19 8.05
CA PRO B 115 -9.49 -0.82 8.44
C PRO B 115 -10.42 0.19 9.10
N HIS B 116 -11.46 -0.29 9.81
CA HIS B 116 -12.51 0.57 10.33
C HIS B 116 -12.00 1.56 11.37
N LEU B 117 -10.85 1.28 11.98
CA LEU B 117 -10.20 2.25 12.86
C LEU B 117 -10.16 3.66 12.25
N GLN B 118 -10.08 3.76 10.91
CA GLN B 118 -9.98 5.09 10.28
C GLN B 118 -11.23 5.93 10.48
N ASN B 119 -12.35 5.31 10.81
CA ASN B 119 -13.60 6.02 11.04
C ASN B 119 -13.94 6.15 12.52
N GLU B 120 -13.04 5.75 13.42
CA GLU B 120 -13.25 5.86 14.86
C GLU B 120 -12.43 6.98 15.48
N LEU B 121 -12.80 7.34 16.73
CA LEU B 121 -12.03 8.34 17.47
C LEU B 121 -11.87 9.60 16.63
N CYS B 122 -10.63 10.06 16.41
CA CYS B 122 -10.41 11.26 15.60
C CYS B 122 -10.94 11.09 14.18
N GLY B 123 -10.93 9.89 13.64
CA GLY B 123 -11.37 9.68 12.28
C GLY B 123 -12.83 10.01 12.03
N LYS B 124 -13.67 9.92 13.08
CA LYS B 124 -15.08 10.23 12.92
C LYS B 124 -15.27 11.68 12.46
N PHE B 125 -14.44 12.60 12.93
CA PHE B 125 -14.55 13.99 12.51
C PHE B 125 -13.46 14.40 11.53
N ARG B 126 -12.64 13.46 11.05
CA ARG B 126 -11.63 13.73 10.02
C ARG B 126 -11.70 12.61 8.98
N PRO B 127 -12.79 12.51 8.23
CA PRO B 127 -12.91 11.44 7.24
C PRO B 127 -11.83 11.60 6.18
N GLY B 128 -11.30 10.46 5.74
CA GLY B 128 -10.22 10.44 4.76
C GLY B 128 -8.85 10.76 5.32
N HIS B 129 -8.77 11.26 6.57
CA HIS B 129 -7.48 11.69 7.12
C HIS B 129 -6.49 10.54 7.24
N PHE B 130 -6.91 9.44 7.87
CA PHE B 130 -5.95 8.37 8.13
C PHE B 130 -5.63 7.59 6.87
N ARG B 131 -6.56 7.51 5.91
CA ARG B 131 -6.21 6.99 4.60
C ARG B 131 -5.07 7.83 3.99
N GLY B 132 -5.18 9.16 4.07
CA GLY B 132 -4.14 10.02 3.54
C GLY B 132 -2.82 9.86 4.26
N VAL B 133 -2.87 9.68 5.58
CA VAL B 133 -1.64 9.45 6.34
C VAL B 133 -0.98 8.13 5.92
N ALA B 134 -1.78 7.05 5.86
CA ALA B 134 -1.22 5.75 5.51
C ALA B 134 -0.62 5.78 4.12
N THR B 135 -1.27 6.47 3.18
CA THR B 135 -0.81 6.53 1.81
C THR B 135 0.49 7.32 1.70
N VAL B 136 0.55 8.52 2.28
CA VAL B 136 1.76 9.32 2.12
C VAL B 136 2.91 8.70 2.90
N VAL B 137 2.63 8.03 4.02
CA VAL B 137 3.71 7.38 4.75
C VAL B 137 4.24 6.19 3.97
N SER B 138 3.34 5.41 3.35
CA SER B 138 3.82 4.34 2.48
C SER B 138 4.69 4.89 1.33
N LYS B 139 4.27 6.00 0.70
CA LYS B 139 5.10 6.61 -0.35
C LYS B 139 6.45 7.04 0.20
N LEU B 140 6.45 7.67 1.37
CA LEU B 140 7.70 8.12 1.97
C LEU B 140 8.59 6.94 2.36
N PHE B 141 8.00 5.86 2.89
CA PHE B 141 8.78 4.67 3.20
C PHE B 141 9.47 4.12 1.96
N ASN B 142 8.77 4.09 0.82
CA ASN B 142 9.32 3.61 -0.42
C ASN B 142 10.31 4.58 -1.05
N ILE B 143 10.27 5.85 -0.67
CA ILE B 143 11.25 6.82 -1.17
C ILE B 143 12.54 6.75 -0.34
N VAL B 144 12.40 6.81 0.99
CA VAL B 144 13.57 6.89 1.87
C VAL B 144 14.20 5.52 2.09
N LEU B 145 13.42 4.46 2.03
CA LEU B 145 13.88 3.12 2.41
C LEU B 145 14.59 3.16 3.76
N PRO B 146 13.92 3.60 4.82
CA PRO B 146 14.58 3.70 6.13
C PRO B 146 14.66 2.36 6.82
N ASP B 147 15.55 2.29 7.81
CA ASP B 147 15.61 1.15 8.70
C ASP B 147 14.78 1.37 9.96
N VAL B 148 14.62 2.62 10.38
CA VAL B 148 13.95 3.01 11.61
C VAL B 148 13.15 4.27 11.31
N ALA B 149 11.93 4.36 11.86
CA ALA B 149 11.10 5.54 11.68
C ALA B 149 10.44 5.89 13.00
N CYS B 150 10.52 7.16 13.40
CA CYS B 150 10.07 7.62 14.71
C CYS B 150 8.77 8.41 14.58
N PHE B 151 7.81 8.08 15.43
CA PHE B 151 6.52 8.75 15.46
C PHE B 151 6.16 8.96 16.94
N GLY B 152 5.45 10.04 17.22
CA GLY B 152 5.18 10.43 18.60
C GLY B 152 3.94 9.73 19.13
N LYS B 153 3.98 9.38 20.42
CA LYS B 153 2.87 8.72 21.07
C LYS B 153 1.65 9.64 21.23
N LYS B 154 1.82 10.96 21.16
CA LYS B 154 0.68 11.86 21.30
C LYS B 154 -0.39 11.59 20.23
N ASP B 155 0.03 11.32 19.00
CA ASP B 155 -0.93 10.98 17.94
C ASP B 155 -1.03 9.45 17.87
N TYR B 156 -1.69 8.91 18.90
CA TYR B 156 -1.68 7.47 19.14
C TYR B 156 -2.35 6.74 18.00
N GLN B 157 -3.50 7.23 17.56
CA GLN B 157 -4.23 6.58 16.46
C GLN B 157 -3.39 6.59 15.17
N GLN B 158 -2.75 7.72 14.87
CA GLN B 158 -1.80 7.75 13.77
C GLN B 158 -0.72 6.68 13.95
N LEU B 159 -0.24 6.51 15.18
CA LEU B 159 0.80 5.52 15.46
C LEU B 159 0.30 4.11 15.21
N ALA B 160 -0.93 3.81 15.66
CA ALA B 160 -1.48 2.49 15.40
C ALA B 160 -1.67 2.24 13.91
N VAL B 161 -2.13 3.25 13.16
CA VAL B 161 -2.30 3.06 11.72
C VAL B 161 -0.95 2.77 11.06
N ILE B 162 0.09 3.47 11.50
CA ILE B 162 1.39 3.29 10.85
C ILE B 162 2.00 1.95 11.25
N LYS B 163 1.87 1.56 12.53
CA LYS B 163 2.28 0.21 12.91
C LYS B 163 1.53 -0.84 12.11
N GLY B 164 0.21 -0.65 11.95
CA GLY B 164 -0.59 -1.62 11.23
C GLY B 164 -0.19 -1.77 9.77
N LEU B 165 -0.02 -0.65 9.07
CA LEU B 165 0.36 -0.75 7.66
C LEU B 165 1.75 -1.37 7.50
N THR B 166 2.66 -1.04 8.41
CA THR B 166 4.01 -1.61 8.39
C THR B 166 3.97 -3.14 8.48
N GLU B 167 3.20 -3.69 9.44
CA GLU B 167 3.05 -5.13 9.56
C GLU B 167 2.35 -5.72 8.34
N ASP B 168 1.20 -5.17 7.98
CA ASP B 168 0.39 -5.80 6.94
C ASP B 168 1.01 -5.70 5.55
N LEU B 169 1.83 -4.68 5.28
CA LEU B 169 2.47 -4.56 3.97
C LEU B 169 3.93 -5.00 3.98
N ASN B 170 4.41 -5.56 5.09
CA ASN B 170 5.78 -6.09 5.20
C ASN B 170 6.85 -5.04 4.89
N PHE B 171 6.64 -3.81 5.34
CA PHE B 171 7.71 -2.83 5.34
C PHE B 171 8.74 -3.25 6.38
N ASP B 172 10.00 -3.44 5.96
CA ASP B 172 11.04 -3.88 6.88
C ASP B 172 11.59 -2.67 7.65
N ILE B 173 10.73 -2.07 8.47
CA ILE B 173 11.05 -0.81 9.14
C ILE B 173 10.70 -0.92 10.62
N GLU B 174 11.62 -0.55 11.49
CA GLU B 174 11.34 -0.52 12.92
C GLU B 174 10.63 0.78 13.24
N ILE B 175 9.41 0.68 13.75
CA ILE B 175 8.62 1.84 14.11
C ILE B 175 8.83 2.11 15.59
N VAL B 176 9.35 3.30 15.90
CA VAL B 176 9.78 3.68 17.25
C VAL B 176 8.81 4.72 17.78
N PRO B 177 7.98 4.39 18.79
CA PRO B 177 7.18 5.43 19.44
C PRO B 177 8.04 6.30 20.33
N VAL B 178 7.78 7.60 20.32
CA VAL B 178 8.57 8.57 21.07
C VAL B 178 7.67 9.25 22.07
N ASP B 179 8.18 9.45 23.28
CA ASP B 179 7.33 9.91 24.36
C ASP B 179 6.86 11.34 24.15
N THR B 180 5.63 11.59 24.62
CA THR B 180 5.00 12.89 24.52
C THR B 180 5.73 13.88 25.43
N GLY B 181 6.30 14.94 24.83
CA GLY B 181 6.73 16.06 25.63
C GLY B 181 5.55 16.84 26.19
N ARG B 182 5.65 17.22 27.45
CA ARG B 182 4.58 17.92 28.15
C ARG B 182 5.12 19.21 28.76
N ALA B 183 4.23 20.17 28.95
CA ALA B 183 4.59 21.35 29.73
C ALA B 183 4.71 20.99 31.21
N ALA B 184 5.21 21.96 31.99
CA ALA B 184 5.37 21.76 33.43
C ALA B 184 4.04 21.47 34.12
N ASP B 185 2.94 22.02 33.58
CA ASP B 185 1.62 21.77 34.13
C ASP B 185 0.98 20.50 33.54
N GLY B 186 1.73 19.69 32.81
CA GLY B 186 1.20 18.45 32.25
C GLY B 186 0.66 18.54 30.83
N LEU B 187 0.44 19.73 30.29
CA LEU B 187 -0.16 19.85 28.97
C LEU B 187 0.76 19.29 27.90
N ALA B 188 0.24 18.38 27.07
CA ALA B 188 1.04 17.80 25.99
C ALA B 188 1.46 18.87 24.98
N LEU B 189 2.77 18.93 24.70
CA LEU B 189 3.26 19.91 23.74
C LEU B 189 2.68 19.64 22.36
N SER B 190 2.21 20.71 21.71
CA SER B 190 1.59 20.65 20.39
C SER B 190 1.47 22.05 19.86
N SER B 191 1.61 22.18 18.53
CA SER B 191 1.40 23.47 17.87
C SER B 191 0.01 24.01 18.14
N ARG B 192 -0.98 23.13 18.36
CA ARG B 192 -2.34 23.55 18.63
C ARG B 192 -2.43 24.45 19.85
N ASN B 193 -1.47 24.33 20.78
CA ASN B 193 -1.56 25.09 22.02
C ASN B 193 -1.46 26.58 21.77
N ARG B 194 -0.80 26.99 20.69
CA ARG B 194 -0.62 28.40 20.35
C ARG B 194 -1.94 29.09 20.02
N TYR B 195 -3.00 28.33 19.73
CA TYR B 195 -4.29 28.92 19.43
C TYR B 195 -5.07 29.28 20.69
N LEU B 196 -4.64 28.79 21.85
CA LEU B 196 -5.40 28.95 23.07
C LEU B 196 -5.24 30.37 23.61
N SER B 197 -6.35 30.96 24.04
CA SER B 197 -6.26 32.22 24.74
C SER B 197 -5.54 32.01 26.07
N VAL B 198 -5.26 33.11 26.76
CA VAL B 198 -4.58 33.03 28.04
C VAL B 198 -5.41 32.23 29.04
N GLY B 199 -6.70 32.52 29.13
CA GLY B 199 -7.57 31.77 30.03
C GLY B 199 -7.68 30.29 29.64
N GLU B 200 -7.81 30.01 28.33
CA GLU B 200 -7.95 28.63 27.89
C GLU B 200 -6.68 27.83 28.20
N ARG B 201 -5.50 28.46 28.06
CA ARG B 201 -4.25 27.76 28.35
C ARG B 201 -4.14 27.38 29.81
N ALA B 202 -4.65 28.22 30.72
CA ALA B 202 -4.68 27.86 32.13
C ALA B 202 -5.66 26.71 32.40
N GLU B 203 -6.74 26.60 31.62
CA GLU B 203 -7.70 25.51 31.76
C GLU B 203 -7.28 24.25 31.02
N ALA B 204 -6.42 24.38 30.01
CA ALA B 204 -6.06 23.24 29.18
C ALA B 204 -5.45 22.04 29.92
N PRO B 205 -4.70 22.20 31.02
CA PRO B 205 -4.13 21.00 31.68
C PRO B 205 -5.18 20.03 32.25
N ARG B 206 -6.46 20.43 32.34
CA ARG B 206 -7.45 19.50 32.89
C ARG B 206 -7.60 18.26 32.02
N LEU B 207 -7.28 18.35 30.73
CA LEU B 207 -7.39 17.16 29.88
C LEU B 207 -6.49 16.05 30.42
N TYR B 208 -5.21 16.35 30.62
CA TYR B 208 -4.29 15.34 31.12
C TYR B 208 -4.67 14.89 32.53
N ARG B 209 -5.17 15.81 33.36
CA ARG B 209 -5.56 15.44 34.73
C ARG B 209 -6.65 14.38 34.73
N GLU B 210 -7.65 14.54 33.85
CA GLU B 210 -8.75 13.58 33.79
C GLU B 210 -8.29 12.23 33.27
N LEU B 211 -7.40 12.24 32.27
CA LEU B 211 -6.87 10.97 31.76
C LEU B 211 -6.14 10.21 32.85
N GLN B 212 -5.31 10.92 33.63
CA GLN B 212 -4.59 10.30 34.73
C GLN B 212 -5.54 9.74 35.78
N ALA B 213 -6.62 10.46 36.08
CA ALA B 213 -7.59 9.95 37.05
C ALA B 213 -8.25 8.68 36.53
N VAL B 214 -8.56 8.63 35.24
CA VAL B 214 -9.05 7.37 34.66
C VAL B 214 -7.99 6.28 34.82
N ALA B 215 -6.73 6.63 34.56
CA ALA B 215 -5.63 5.66 34.64
C ALA B 215 -5.47 5.11 36.07
N GLU B 216 -5.63 5.96 37.07
CA GLU B 216 -5.51 5.48 38.45
C GLU B 216 -6.66 4.54 38.81
N SER B 217 -7.87 4.86 38.37
CA SER B 217 -9.00 3.96 38.62
C SER B 217 -8.77 2.60 37.97
N LEU B 218 -8.22 2.59 36.75
CA LEU B 218 -7.91 1.31 36.12
C LEU B 218 -6.82 0.56 36.87
N LYS B 219 -5.79 1.28 37.30
CA LYS B 219 -4.72 0.67 38.10
C LYS B 219 -5.25 0.18 39.45
N GLN B 220 -6.34 0.77 39.95
CA GLN B 220 -6.97 0.36 41.20
C GLN B 220 -8.11 -0.62 41.01
N GLY B 221 -8.07 -1.41 39.93
CA GLY B 221 -9.02 -2.48 39.75
C GLY B 221 -10.38 -2.06 39.21
N GLY B 222 -10.54 -0.80 38.80
CA GLY B 222 -11.79 -0.36 38.23
C GLY B 222 -12.14 -1.13 36.97
N LEU B 223 -13.39 -1.61 36.88
CA LEU B 223 -13.82 -2.43 35.77
C LEU B 223 -14.89 -1.75 34.91
N ASP B 224 -15.45 -0.64 35.37
CA ASP B 224 -16.54 0.04 34.65
C ASP B 224 -15.93 1.03 33.64
N TYR B 225 -15.52 0.49 32.49
CA TYR B 225 -14.90 1.32 31.46
C TYR B 225 -15.80 2.47 31.05
N ALA B 226 -17.06 2.15 30.73
CA ALA B 226 -17.99 3.16 30.25
C ALA B 226 -18.27 4.21 31.32
N GLY B 227 -18.35 3.81 32.58
CA GLY B 227 -18.55 4.79 33.65
C GLY B 227 -17.37 5.73 33.79
N LEU B 228 -16.16 5.20 33.69
CA LEU B 228 -14.97 6.04 33.82
C LEU B 228 -14.88 7.04 32.67
N GLU B 229 -15.16 6.60 31.44
CA GLU B 229 -15.16 7.51 30.31
C GLU B 229 -16.16 8.64 30.51
N ARG B 230 -17.37 8.30 30.97
CA ARG B 230 -18.41 9.32 31.15
C ARG B 230 -18.01 10.33 32.21
N GLN B 231 -17.48 9.86 33.34
CA GLN B 231 -17.09 10.79 34.42
C GLN B 231 -16.04 11.78 33.92
N ALA B 232 -15.08 11.30 33.17
CA ALA B 232 -14.06 12.20 32.61
C ALA B 232 -14.70 13.18 31.63
N ALA B 233 -15.59 12.68 30.77
CA ALA B 233 -16.29 13.56 29.85
C ALA B 233 -17.15 14.57 30.59
N ASP B 234 -17.86 14.13 31.64
CA ASP B 234 -18.69 15.05 32.39
C ASP B 234 -17.88 16.13 33.07
N HIS B 235 -16.70 15.79 33.60
CA HIS B 235 -15.88 16.81 34.26
C HIS B 235 -15.39 17.84 33.25
N LEU B 236 -15.02 17.40 32.05
CA LEU B 236 -14.59 18.33 31.03
C LEU B 236 -15.72 19.23 30.57
N THR B 237 -16.89 18.65 30.31
CA THR B 237 -18.02 19.44 29.86
C THR B 237 -18.40 20.48 30.90
N ALA B 238 -18.49 20.07 32.16
CA ALA B 238 -18.86 21.00 33.22
C ALA B 238 -17.87 22.14 33.33
N ALA B 239 -16.60 21.90 32.98
CA ALA B 239 -15.59 22.94 33.05
C ALA B 239 -15.50 23.77 31.77
N GLY B 240 -16.38 23.54 30.79
CA GLY B 240 -16.44 24.39 29.63
C GLY B 240 -15.95 23.79 28.33
N TRP B 241 -15.44 22.55 28.35
CA TRP B 241 -14.99 21.86 27.15
C TRP B 241 -16.17 21.35 26.33
N LEU B 242 -15.93 21.17 25.04
CA LEU B 242 -16.84 20.42 24.16
C LEU B 242 -16.15 19.11 23.83
N VAL B 243 -16.64 18.00 24.38
CA VAL B 243 -15.92 16.73 24.35
C VAL B 243 -16.24 15.97 23.08
N ASP B 244 -15.19 15.60 22.32
CA ASP B 244 -15.38 14.70 21.19
C ASP B 244 -15.51 13.26 21.65
N TYR B 245 -14.58 12.78 22.47
CA TYR B 245 -14.63 11.41 22.94
C TYR B 245 -13.70 11.27 24.13
N VAL B 246 -14.03 10.31 24.99
CA VAL B 246 -13.10 9.72 25.94
C VAL B 246 -13.28 8.21 25.82
N GLU B 247 -12.20 7.49 25.53
CA GLU B 247 -12.35 6.05 25.33
C GLU B 247 -11.18 5.27 25.89
N ILE B 248 -11.50 4.14 26.52
CA ILE B 248 -10.53 3.16 26.97
C ILE B 248 -10.42 2.07 25.91
N ARG B 249 -9.22 1.83 25.41
CA ARG B 249 -8.99 0.82 24.38
C ARG B 249 -7.72 0.04 24.71
N ARG B 250 -7.48 -1.04 23.98
CA ARG B 250 -6.26 -1.80 24.17
C ARG B 250 -5.06 -1.01 23.67
N ALA B 251 -3.98 -1.06 24.45
CA ALA B 251 -2.76 -0.33 24.11
C ALA B 251 -2.20 -0.82 22.78
N ASP B 252 -1.46 0.08 22.12
CA ASP B 252 -0.79 -0.15 20.83
C ASP B 252 -1.76 -0.26 19.67
N THR B 253 -2.68 -1.23 19.71
CA THR B 253 -3.55 -1.54 18.58
C THR B 253 -4.88 -0.78 18.55
N LEU B 254 -5.32 -0.23 19.68
CA LEU B 254 -6.60 0.48 19.75
C LEU B 254 -7.79 -0.43 19.42
N GLU B 255 -7.59 -1.74 19.52
CA GLU B 255 -8.71 -2.67 19.58
C GLU B 255 -9.59 -2.32 20.77
N MET B 256 -10.86 -2.73 20.68
CA MET B 256 -11.81 -2.51 21.76
C MET B 256 -11.28 -3.09 23.06
N ALA B 257 -11.50 -2.37 24.16
CA ALA B 257 -11.04 -2.83 25.46
C ALA B 257 -12.02 -3.87 25.98
N ARG B 258 -11.50 -4.99 26.47
CA ARG B 258 -12.32 -6.08 26.97
C ARG B 258 -12.11 -6.23 28.46
N ALA B 259 -13.15 -6.70 29.15
CA ALA B 259 -13.14 -6.81 30.61
C ALA B 259 -12.04 -7.76 31.05
N GLY B 260 -11.06 -7.25 31.78
CA GLY B 260 -9.93 -8.04 32.21
C GLY B 260 -8.64 -7.67 31.52
N ASP B 261 -8.72 -6.85 30.47
CA ASP B 261 -7.50 -6.50 29.74
C ASP B 261 -6.56 -5.80 30.71
N LYS B 262 -5.26 -6.09 30.58
CA LYS B 262 -4.29 -5.51 31.47
C LYS B 262 -3.46 -4.41 30.83
N LYS B 263 -3.33 -4.39 29.50
CA LYS B 263 -2.54 -3.37 28.80
C LYS B 263 -3.49 -2.46 28.04
N LEU B 264 -3.79 -1.29 28.62
CA LEU B 264 -4.83 -0.42 28.11
C LEU B 264 -4.28 0.98 27.81
N VAL B 265 -5.08 1.78 27.13
CA VAL B 265 -4.80 3.18 26.90
C VAL B 265 -6.10 3.97 26.96
N VAL B 266 -6.06 5.12 27.61
CA VAL B 266 -7.18 6.05 27.66
C VAL B 266 -6.89 7.21 26.73
N LEU B 267 -7.83 7.51 25.84
CA LEU B 267 -7.67 8.58 24.86
C LEU B 267 -8.83 9.55 24.95
N ALA B 268 -8.53 10.81 24.69
CA ALA B 268 -9.57 11.83 24.73
C ALA B 268 -9.28 12.90 23.69
N ALA B 269 -10.34 13.48 23.16
CA ALA B 269 -10.26 14.67 22.33
C ALA B 269 -11.41 15.57 22.70
N ALA B 270 -11.11 16.85 22.92
CA ALA B 270 -12.09 17.82 23.38
C ALA B 270 -11.64 19.22 22.98
N ARG B 271 -12.60 20.12 22.80
CA ARG B 271 -12.32 21.45 22.28
C ARG B 271 -12.54 22.50 23.36
N LEU B 272 -11.59 23.44 23.47
CA LEU B 272 -11.75 24.68 24.20
C LEU B 272 -11.93 25.78 23.15
N GLY B 273 -13.13 26.34 23.08
CA GLY B 273 -13.49 27.21 21.98
C GLY B 273 -13.34 26.48 20.66
N THR B 274 -12.62 27.10 19.73
CA THR B 274 -12.41 26.60 18.38
C THR B 274 -11.28 25.59 18.29
N THR B 275 -10.59 25.33 19.40
CA THR B 275 -9.31 24.61 19.39
C THR B 275 -9.50 23.21 19.95
N ARG B 276 -9.10 22.20 19.17
CA ARG B 276 -9.22 20.79 19.54
C ARG B 276 -7.91 20.26 20.11
N LEU B 277 -7.96 19.69 21.31
CA LEU B 277 -6.79 19.12 21.93
C LEU B 277 -7.01 17.62 22.10
N ILE B 278 -5.93 16.85 21.96
CA ILE B 278 -5.96 15.40 22.15
C ILE B 278 -4.84 15.02 23.12
N ASP B 279 -5.03 13.90 23.81
CA ASP B 279 -4.02 13.39 24.73
C ASP B 279 -4.38 11.94 25.04
N ASN B 280 -3.45 11.25 25.71
CA ASN B 280 -3.69 9.85 26.03
C ASN B 280 -2.71 9.43 27.13
N VAL B 281 -3.11 8.37 27.85
CA VAL B 281 -2.32 7.76 28.92
C VAL B 281 -2.38 6.24 28.81
N GLU B 282 -1.22 5.61 28.76
CA GLU B 282 -1.14 4.15 28.80
C GLU B 282 -1.11 3.67 30.24
N VAL B 283 -1.74 2.53 30.47
CA VAL B 283 -1.79 1.89 31.78
C VAL B 283 -1.45 0.41 31.63
N GLY B 284 -0.66 -0.11 32.56
CA GLY B 284 -0.30 -1.52 32.58
C GLY B 284 -0.70 -2.25 33.84
PG ANP C . -4.58 -19.04 -13.74
O1G ANP C . -5.19 -19.41 -12.33
O2G ANP C . -5.08 -20.01 -14.76
O3G ANP C . -5.03 -17.57 -14.13
PB ANP C . -2.06 -18.17 -14.71
O1B ANP C . -2.84 -16.86 -15.04
O2B ANP C . -1.78 -18.94 -15.97
N3B ANP C . -2.89 -19.14 -13.61
PA ANP C . -0.57 -16.79 -12.88
O1A ANP C . -1.99 -16.37 -12.53
O2A ANP C . 0.24 -17.38 -11.78
O3A ANP C . -0.69 -17.81 -14.08
O5' ANP C . 0.29 -15.63 -13.54
C5' ANP C . 1.65 -15.40 -13.11
C4' ANP C . 2.31 -14.47 -14.10
O4' ANP C . 2.48 -15.15 -15.37
C3' ANP C . 1.51 -13.19 -14.40
O3' ANP C . 2.35 -12.06 -14.53
C2' ANP C . 0.81 -13.56 -15.72
O2' ANP C . 0.42 -12.44 -16.50
C1' ANP C . 1.90 -14.38 -16.40
N9 ANP C . 1.40 -15.25 -17.45
C8 ANP C . 0.41 -16.19 -17.35
N7 ANP C . 0.12 -16.79 -18.49
C5 ANP C . 0.97 -16.19 -19.40
C6 ANP C . 1.16 -16.36 -20.78
N6 ANP C . 0.48 -17.25 -21.53
N1 ANP C . 2.09 -15.59 -21.40
C2 ANP C . 2.77 -14.70 -20.66
N3 ANP C . 2.68 -14.45 -19.36
C4 ANP C . 1.75 -15.22 -18.78
PG ANP D . -0.58 19.07 15.59
O1G ANP D . -0.30 18.61 16.99
O2G ANP D . -0.93 20.61 15.60
O3G ANP D . -1.81 18.27 15.00
PB ANP D . 2.05 18.16 15.48
O1B ANP D . 1.62 16.77 16.05
O2B ANP D . 2.40 19.04 16.64
N3B ANP D . 0.77 18.82 14.61
PA ANP D . 3.15 17.57 12.98
O1A ANP D . 1.66 17.56 12.64
O2A ANP D . 3.99 18.40 12.08
O3A ANP D . 3.29 17.99 14.53
O5' ANP D . 3.76 16.11 12.90
C5' ANP D . 3.17 15.04 13.63
C4' ANP D . 4.19 14.47 14.59
O4' ANP D . 4.32 15.34 15.73
C3' ANP D . 3.82 13.12 15.18
O3' ANP D . 4.34 12.06 14.38
C2' ANP D . 4.52 13.13 16.55
O2' ANP D . 5.67 12.31 16.45
C1' ANP D . 4.91 14.59 16.77
N9 ANP D . 4.51 15.16 18.06
C8 ANP D . 3.55 16.11 18.27
N7 ANP D . 3.40 16.45 19.53
C5 ANP D . 4.33 15.67 20.20
C6 ANP D . 4.68 15.55 21.56
N6 ANP D . 4.10 16.25 22.54
N1 ANP D . 5.66 14.68 21.89
C2 ANP D . 6.24 13.97 20.92
N3 ANP D . 6.00 13.99 19.60
C4 ANP D . 5.03 14.87 19.30
#